data_4FTN
#
_entry.id   4FTN
#
_cell.length_a   45.232
_cell.length_b   65.722
_cell.length_c   57.986
_cell.angle_alpha   90.00
_cell.angle_beta   94.50
_cell.angle_gamma   90.00
#
_symmetry.space_group_name_H-M   'P 1 21 1'
#
loop_
_entity.id
_entity.type
_entity.pdbx_description
1 polymer 'Serine/threonine-protein kinase Chk1'
2 non-polymer "4'-{6-methoxy-7-[2-(piperidin-1-yl)ethoxy]-1,2-dihydroindeno[1,2-c]pyrazol-3-yl}biphenyl-4-ol"
3 non-polymer 'SULFATE ION'
4 non-polymer GLYCEROL
5 non-polymer 'ISOPROPYL ALCOHOL'
6 water water
#
_entity_poly.entity_id   1
_entity_poly.type   'polypeptide(L)'
_entity_poly.pdbx_seq_one_letter_code
;AVPFVEDWDLVQTLGEGAYGEVQLAVNRVTEEAVAVKIVDMKRAVDCPENIKKEICINKMLNHENVVKFYGHRREGNIQY
LFLEYCSGGELFDRIEPDIGMPEPDAQRFFHQLMAGVVYLHGIGITHRDIKPENLLLDERDNLKISDFGLATVFRYNNRE
RLLNKM(CSO)GTLPYVAPELLKRREFHAEPVDVWSCGIVLTAMLAGELPWDQPSDSCQEYSDWKEKKTYLNPWKKIDSA
PLALLHKILVENPSARITIPDIKKDRWYNKPLKKGAKRPRVTS
;
_entity_poly.pdbx_strand_id   A
#
loop_
_chem_comp.id
_chem_comp.type
_chem_comp.name
_chem_comp.formula
2HK non-polymer 4'-{6-methoxy-7-[2-(piperidin-1-yl)ethoxy]-1,2-dihydroindeno[1,2-c]pyrazol-3-yl}biphenyl-4-ol 'C30 H31 N3 O3'
GOL non-polymer GLYCEROL 'C3 H8 O3'
IPA non-polymer 'ISOPROPYL ALCOHOL' 'C3 H8 O'
SO4 non-polymer 'SULFATE ION' 'O4 S -2'
#
# COMPACT_ATOMS: atom_id res chain seq x y z
N VAL A 2 21.27 29.84 -12.36
CA VAL A 2 20.11 30.53 -11.78
C VAL A 2 20.28 30.56 -10.25
N PRO A 3 20.52 31.73 -9.61
CA PRO A 3 20.67 31.72 -8.15
C PRO A 3 19.40 31.31 -7.38
N PHE A 4 19.60 30.75 -6.16
CA PHE A 4 18.55 30.38 -5.20
C PHE A 4 17.63 29.21 -5.63
N VAL A 5 17.88 28.56 -6.79
CA VAL A 5 17.03 27.46 -7.27
C VAL A 5 17.17 26.20 -6.36
N GLU A 6 18.27 26.10 -5.58
CA GLU A 6 18.49 24.97 -4.66
C GLU A 6 17.91 25.22 -3.24
N ASP A 7 17.27 26.39 -3.00
CA ASP A 7 16.71 26.72 -1.68
C ASP A 7 15.23 26.34 -1.56
N TRP A 8 14.90 25.61 -0.49
CA TRP A 8 13.54 25.13 -0.20
C TRP A 8 13.07 25.63 1.17
N ASP A 9 11.87 26.19 1.24
CA ASP A 9 11.26 26.65 2.49
C ASP A 9 10.34 25.54 3.04
N LEU A 10 10.55 25.13 4.31
CA LEU A 10 9.72 24.14 4.98
C LEU A 10 8.48 24.86 5.52
N VAL A 11 7.29 24.64 4.92
CA VAL A 11 6.08 25.38 5.29
C VAL A 11 5.25 24.65 6.36
N GLN A 12 5.11 23.31 6.33
CA GLN A 12 4.36 22.59 7.37
C GLN A 12 4.60 21.08 7.40
N THR A 13 4.25 20.47 8.54
CA THR A 13 4.41 19.03 8.78
C THR A 13 3.30 18.25 8.06
N LEU A 14 3.66 17.11 7.48
CA LEU A 14 2.74 16.22 6.78
C LEU A 14 2.58 14.85 7.50
N GLY A 15 3.54 14.45 8.32
CA GLY A 15 3.44 13.18 9.04
C GLY A 15 4.67 12.83 9.83
N GLU A 21 10.38 12.65 10.29
CA GLU A 21 9.23 13.53 10.08
C GLU A 21 9.16 13.96 8.62
N VAL A 22 7.94 14.04 8.06
CA VAL A 22 7.70 14.45 6.67
C VAL A 22 7.21 15.91 6.67
N GLN A 23 7.86 16.79 5.89
CA GLN A 23 7.53 18.21 5.79
C GLN A 23 7.20 18.61 4.35
N LEU A 24 6.19 19.47 4.15
CA LEU A 24 5.92 20.08 2.84
C LEU A 24 6.96 21.18 2.64
N ALA A 25 7.78 21.07 1.58
CA ALA A 25 8.79 22.08 1.27
C ALA A 25 8.44 22.77 -0.04
N VAL A 26 8.66 24.09 -0.13
CA VAL A 26 8.36 24.88 -1.32
C VAL A 26 9.62 25.58 -1.83
N ASN A 27 9.89 25.49 -3.14
CA ASN A 27 11.07 26.10 -3.75
C ASN A 27 10.95 27.63 -3.75
N ARG A 28 12.02 28.29 -3.29
CA ARG A 28 12.13 29.74 -3.18
C ARG A 28 11.92 30.45 -4.53
N VAL A 29 12.38 29.84 -5.63
CA VAL A 29 12.29 30.46 -6.96
C VAL A 29 11.07 29.99 -7.72
N THR A 30 10.94 28.68 -7.93
CA THR A 30 9.89 28.11 -8.77
C THR A 30 8.56 27.86 -8.08
N GLU A 31 8.52 27.85 -6.73
CA GLU A 31 7.36 27.53 -5.90
C GLU A 31 6.89 26.09 -6.10
N GLU A 32 7.75 25.20 -6.64
CA GLU A 32 7.41 23.78 -6.76
C GLU A 32 7.31 23.20 -5.36
N ALA A 33 6.31 22.33 -5.12
CA ALA A 33 6.10 21.69 -3.82
C ALA A 33 6.67 20.28 -3.86
N VAL A 34 7.37 19.90 -2.78
CA VAL A 34 7.94 18.57 -2.59
C VAL A 34 7.82 18.17 -1.11
N ALA A 35 7.81 16.85 -0.85
CA ALA A 35 7.77 16.29 0.49
C ALA A 35 9.18 15.97 0.91
N VAL A 36 9.61 16.44 2.07
CA VAL A 36 10.96 16.20 2.56
C VAL A 36 10.88 15.33 3.82
N LYS A 37 11.56 14.17 3.82
CA LYS A 37 11.60 13.28 4.98
C LYS A 37 12.92 13.50 5.70
N ILE A 38 12.86 13.94 6.96
CA ILE A 38 14.03 14.23 7.79
C ILE A 38 14.22 13.09 8.79
N VAL A 39 15.43 12.48 8.84
CA VAL A 39 15.72 11.36 9.73
C VAL A 39 17.11 11.51 10.34
N ASN A 50 19.53 0.79 7.56
CA ASN A 50 18.15 0.86 7.08
C ASN A 50 17.93 2.05 6.13
N ILE A 51 18.52 3.22 6.46
CA ILE A 51 18.40 4.43 5.63
C ILE A 51 19.08 4.22 4.28
N LYS A 52 20.22 3.49 4.25
CA LYS A 52 20.97 3.20 3.01
C LYS A 52 20.16 2.31 2.07
N LYS A 53 19.46 1.32 2.63
CA LYS A 53 18.60 0.38 1.89
C LYS A 53 17.38 1.11 1.34
N GLU A 54 16.75 1.91 2.21
CA GLU A 54 15.56 2.71 1.91
C GLU A 54 15.84 3.69 0.77
N ILE A 55 17.00 4.38 0.80
CA ILE A 55 17.39 5.29 -0.25
C ILE A 55 17.65 4.48 -1.53
N CYS A 56 18.40 3.38 -1.43
CA CYS A 56 18.70 2.49 -2.56
C CYS A 56 17.43 1.91 -3.21
N ILE A 57 16.43 1.49 -2.41
CA ILE A 57 15.20 0.96 -2.98
C ILE A 57 14.50 2.08 -3.75
N ASN A 58 14.39 3.28 -3.14
CA ASN A 58 13.75 4.44 -3.76
C ASN A 58 14.38 4.84 -5.09
N LYS A 59 15.73 4.70 -5.21
CA LYS A 59 16.46 5.01 -6.44
C LYS A 59 16.09 4.07 -7.61
N MET A 60 15.56 2.88 -7.31
CA MET A 60 15.09 1.95 -8.34
C MET A 60 13.69 2.26 -8.85
N LEU A 61 12.90 3.10 -8.13
CA LEU A 61 11.49 3.27 -8.42
C LEU A 61 11.18 4.39 -9.41
N ASN A 62 10.36 4.05 -10.41
CA ASN A 62 9.90 4.97 -11.44
C ASN A 62 8.58 4.45 -12.03
N HIS A 63 7.47 4.87 -11.43
CA HIS A 63 6.16 4.47 -11.89
C HIS A 63 5.13 5.52 -11.44
N GLU A 64 4.08 5.68 -12.25
CA GLU A 64 3.03 6.66 -12.01
C GLU A 64 2.20 6.41 -10.75
N ASN A 65 2.16 5.17 -10.17
CA ASN A 65 1.43 4.91 -8.93
C ASN A 65 2.38 4.59 -7.77
N VAL A 66 3.57 5.14 -7.84
CA VAL A 66 4.61 5.03 -6.81
C VAL A 66 5.13 6.44 -6.58
N VAL A 67 5.16 6.93 -5.32
CA VAL A 67 5.69 8.27 -5.00
CA VAL A 67 5.68 8.29 -5.04
C VAL A 67 7.10 8.44 -5.59
N LYS A 68 7.36 9.55 -6.33
CA LYS A 68 8.67 9.80 -6.94
C LYS A 68 9.74 10.15 -5.92
N PHE A 69 10.96 9.67 -6.18
CA PHE A 69 12.15 9.98 -5.40
C PHE A 69 12.98 10.94 -6.22
N TYR A 70 13.17 12.17 -5.74
CA TYR A 70 13.94 13.17 -6.50
C TYR A 70 15.44 13.08 -6.20
N GLY A 71 15.79 12.80 -4.95
CA GLY A 71 17.17 12.66 -4.53
C GLY A 71 17.32 12.69 -3.02
N HIS A 72 18.58 12.70 -2.56
CA HIS A 72 18.88 12.74 -1.13
C HIS A 72 20.13 13.60 -0.85
N ARG A 73 20.22 14.13 0.37
CA ARG A 73 21.35 14.91 0.86
C ARG A 73 21.55 14.60 2.35
N ARG A 74 22.80 14.45 2.78
CA ARG A 74 23.16 14.17 4.17
C ARG A 74 23.95 15.36 4.73
N GLU A 75 23.33 16.14 5.64
CA GLU A 75 23.96 17.30 6.27
C GLU A 75 24.38 16.89 7.68
N GLY A 76 25.60 16.37 7.80
CA GLY A 76 26.15 15.90 9.06
C GLY A 76 25.52 14.62 9.55
N ASN A 77 24.63 14.73 10.56
CA ASN A 77 23.94 13.58 11.16
C ASN A 77 22.52 13.39 10.59
N ILE A 78 21.86 14.48 10.13
CA ILE A 78 20.48 14.39 9.59
C ILE A 78 20.49 14.02 8.10
N GLN A 79 19.59 13.09 7.71
CA GLN A 79 19.39 12.62 6.33
C GLN A 79 18.10 13.23 5.77
N TYR A 80 18.19 13.97 4.65
CA TYR A 80 17.04 14.60 3.98
C TYR A 80 16.68 13.86 2.69
N LEU A 81 15.51 13.17 2.63
CA LEU A 81 15.05 12.48 1.42
C LEU A 81 14.03 13.38 0.72
N PHE A 82 14.25 13.69 -0.58
CA PHE A 82 13.37 14.57 -1.36
C PHE A 82 12.42 13.74 -2.17
N LEU A 83 11.12 13.82 -1.82
CA LEU A 83 10.08 13.00 -2.44
C LEU A 83 8.89 13.80 -2.96
N GLU A 84 8.07 13.15 -3.82
CA GLU A 84 6.89 13.75 -4.42
C GLU A 84 5.88 14.19 -3.38
N TYR A 85 5.35 15.40 -3.56
CA TYR A 85 4.29 15.97 -2.75
C TYR A 85 2.96 15.62 -3.40
N CYS A 86 2.08 15.01 -2.63
CA CYS A 86 0.77 14.50 -3.00
C CYS A 86 -0.26 15.35 -2.27
N SER A 87 -0.82 16.34 -2.95
CA SER A 87 -1.72 17.35 -2.34
C SER A 87 -3.10 16.81 -1.93
N GLY A 88 -3.51 15.65 -2.44
CA GLY A 88 -4.77 15.00 -2.06
C GLY A 88 -4.71 14.30 -0.71
N GLY A 89 -3.51 14.18 -0.16
CA GLY A 89 -3.30 13.56 1.14
C GLY A 89 -3.40 12.05 1.11
N GLU A 90 -3.76 11.47 2.24
CA GLU A 90 -3.84 10.04 2.43
C GLU A 90 -5.18 9.48 2.02
N LEU A 91 -5.17 8.29 1.42
CA LEU A 91 -6.39 7.53 1.11
C LEU A 91 -7.18 7.30 2.40
N PHE A 92 -6.48 7.12 3.53
CA PHE A 92 -7.10 6.95 4.86
C PHE A 92 -8.20 8.01 5.11
N ASP A 93 -7.95 9.27 4.72
CA ASP A 93 -8.90 10.38 4.96
C ASP A 93 -10.04 10.48 3.92
N ARG A 94 -10.10 9.58 2.92
CA ARG A 94 -11.20 9.47 1.97
C ARG A 94 -12.15 8.36 2.41
N ILE A 95 -11.80 7.63 3.48
CA ILE A 95 -12.61 6.53 3.99
C ILE A 95 -13.43 7.10 5.13
N GLU A 96 -14.77 7.07 4.99
CA GLU A 96 -15.67 7.56 6.03
C GLU A 96 -15.86 6.42 7.02
N PRO A 97 -15.60 6.62 8.33
CA PRO A 97 -15.76 5.50 9.29
C PRO A 97 -17.13 4.85 9.26
N ASP A 98 -17.16 3.52 9.26
CA ASP A 98 -18.35 2.67 9.22
C ASP A 98 -19.10 2.71 7.88
N ILE A 99 -18.65 3.50 6.88
CA ILE A 99 -19.33 3.64 5.58
C ILE A 99 -18.41 3.23 4.41
N GLY A 100 -17.23 3.83 4.33
CA GLY A 100 -16.28 3.56 3.27
C GLY A 100 -16.31 4.72 2.29
N MET A 101 -16.54 4.43 1.03
CA MET A 101 -16.61 5.45 -0.01
C MET A 101 -17.42 4.89 -1.17
N PRO A 102 -17.83 5.70 -2.16
CA PRO A 102 -18.60 5.15 -3.28
C PRO A 102 -17.81 4.04 -3.98
N GLU A 103 -18.49 2.96 -4.35
CA GLU A 103 -17.90 1.80 -4.96
C GLU A 103 -17.10 2.13 -6.22
N PRO A 104 -17.53 3.06 -7.11
CA PRO A 104 -16.71 3.38 -8.28
C PRO A 104 -15.35 4.03 -7.92
N ASP A 105 -15.31 4.85 -6.85
CA ASP A 105 -14.06 5.47 -6.40
C ASP A 105 -13.12 4.39 -5.86
N ALA A 106 -13.67 3.45 -5.07
CA ALA A 106 -12.88 2.34 -4.50
C ALA A 106 -12.32 1.48 -5.63
N GLN A 107 -13.12 1.18 -6.65
CA GLN A 107 -12.60 0.37 -7.77
C GLN A 107 -11.44 1.08 -8.46
N ARG A 108 -11.61 2.37 -8.77
CA ARG A 108 -10.56 3.16 -9.42
C ARG A 108 -9.28 3.17 -8.55
N PHE A 109 -9.42 3.40 -7.25
CA PHE A 109 -8.24 3.38 -6.36
C PHE A 109 -7.60 2.02 -6.33
N PHE A 110 -8.41 0.97 -6.33
CA PHE A 110 -7.92 -0.40 -6.31
C PHE A 110 -7.18 -0.73 -7.64
N HIS A 111 -7.71 -0.30 -8.79
CA HIS A 111 -7.01 -0.47 -10.07
C HIS A 111 -5.59 0.14 -10.02
N GLN A 112 -5.48 1.36 -9.48
CA GLN A 112 -4.21 2.10 -9.41
C GLN A 112 -3.25 1.46 -8.42
N LEU A 113 -3.76 0.93 -7.34
CA LEU A 113 -2.99 0.20 -6.33
C LEU A 113 -2.43 -1.09 -6.96
N MET A 114 -3.25 -1.82 -7.75
CA MET A 114 -2.75 -3.02 -8.44
C MET A 114 -1.66 -2.67 -9.43
N ALA A 115 -1.81 -1.55 -10.20
CA ALA A 115 -0.77 -1.12 -11.14
C ALA A 115 0.55 -0.88 -10.40
N GLY A 116 0.51 -0.22 -9.27
CA GLY A 116 1.70 0.05 -8.47
C GLY A 116 2.35 -1.21 -7.92
N VAL A 117 1.55 -2.15 -7.41
CA VAL A 117 2.07 -3.38 -6.81
C VAL A 117 2.64 -4.28 -7.90
N VAL A 118 1.97 -4.39 -9.06
CA VAL A 118 2.50 -5.16 -10.21
C VAL A 118 3.88 -4.64 -10.57
N TYR A 119 4.05 -3.31 -10.56
CA TYR A 119 5.30 -2.68 -10.91
C TYR A 119 6.40 -3.08 -9.93
N LEU A 120 6.13 -2.91 -8.63
CA LEU A 120 7.08 -3.26 -7.59
C LEU A 120 7.46 -4.74 -7.65
N HIS A 121 6.46 -5.61 -7.70
CA HIS A 121 6.72 -7.04 -7.76
C HIS A 121 7.52 -7.40 -9.04
N GLY A 122 7.27 -6.69 -10.14
CA GLY A 122 8.00 -6.91 -11.40
C GLY A 122 9.48 -6.58 -11.35
N ILE A 123 9.89 -5.64 -10.47
CA ILE A 123 11.31 -5.32 -10.28
C ILE A 123 11.82 -6.00 -8.98
N GLY A 124 11.06 -6.92 -8.40
CA GLY A 124 11.50 -7.73 -7.27
C GLY A 124 11.45 -7.07 -5.93
N ILE A 125 10.64 -6.02 -5.79
CA ILE A 125 10.48 -5.30 -4.53
C ILE A 125 9.11 -5.64 -3.90
N THR A 126 9.08 -5.87 -2.57
CA THR A 126 7.86 -6.01 -1.78
C THR A 126 7.78 -4.81 -0.82
N HIS A 127 6.59 -4.17 -0.71
CA HIS A 127 6.41 -3.00 0.12
C HIS A 127 6.38 -3.41 1.62
N ARG A 128 5.58 -4.45 1.94
CA ARG A 128 5.43 -5.07 3.23
C ARG A 128 4.62 -4.23 4.23
N ASP A 129 4.03 -3.09 3.85
CA ASP A 129 3.22 -2.31 4.80
C ASP A 129 2.16 -1.52 4.05
N ILE A 130 1.49 -2.17 3.15
CA ILE A 130 0.42 -1.52 2.40
C ILE A 130 -0.77 -1.27 3.34
N LYS A 131 -1.20 0.00 3.47
CA LYS A 131 -2.36 0.39 4.26
C LYS A 131 -2.78 1.77 3.80
N PRO A 132 -4.02 2.24 4.10
CA PRO A 132 -4.47 3.52 3.56
C PRO A 132 -3.64 4.75 3.97
N GLU A 133 -2.91 4.67 5.11
CA GLU A 133 -2.03 5.73 5.57
C GLU A 133 -0.81 5.91 4.64
N ASN A 134 -0.42 4.85 3.92
CA ASN A 134 0.74 4.85 3.01
C ASN A 134 0.36 4.93 1.55
N LEU A 135 -0.91 5.22 1.26
CA LEU A 135 -1.39 5.35 -0.12
C LEU A 135 -1.85 6.78 -0.26
N LEU A 136 -1.07 7.58 -1.00
CA LEU A 136 -1.31 9.01 -1.14
C LEU A 136 -2.00 9.35 -2.44
N LEU A 137 -2.62 10.55 -2.49
CA LEU A 137 -3.38 11.04 -3.61
C LEU A 137 -2.80 12.35 -4.12
N ASP A 138 -2.50 12.44 -5.42
CA ASP A 138 -1.97 13.69 -6.00
C ASP A 138 -3.15 14.63 -6.28
N GLU A 139 -2.87 15.77 -6.92
CA GLU A 139 -3.87 16.79 -7.26
C GLU A 139 -5.06 16.27 -8.10
N ARG A 140 -4.85 15.23 -8.94
CA ARG A 140 -5.91 14.61 -9.76
C ARG A 140 -6.45 13.31 -9.13
N ASP A 141 -6.21 13.11 -7.81
CA ASP A 141 -6.62 11.93 -7.05
C ASP A 141 -6.04 10.64 -7.61
N ASN A 142 -4.81 10.70 -8.18
CA ASN A 142 -4.13 9.47 -8.61
C ASN A 142 -3.46 8.91 -7.41
N LEU A 143 -3.59 7.61 -7.21
CA LEU A 143 -3.03 6.92 -6.07
C LEU A 143 -1.54 6.71 -6.28
N LYS A 144 -0.77 6.90 -5.21
CA LYS A 144 0.67 6.74 -5.16
C LYS A 144 1.07 5.91 -3.94
N ILE A 145 1.76 4.77 -4.15
CA ILE A 145 2.26 3.96 -3.06
C ILE A 145 3.42 4.74 -2.44
N SER A 146 3.43 4.86 -1.10
CA SER A 146 4.48 5.60 -0.41
CA SER A 146 4.42 5.61 -0.36
C SER A 146 5.01 4.84 0.82
N ASP A 147 6.12 5.35 1.36
CA ASP A 147 6.85 4.84 2.52
C ASP A 147 7.44 3.45 2.27
N PHE A 148 8.71 3.44 1.82
CA PHE A 148 9.48 2.26 1.50
C PHE A 148 10.49 1.90 2.59
N GLY A 149 10.24 2.35 3.82
CA GLY A 149 11.08 2.07 4.96
C GLY A 149 11.08 0.62 5.41
N LEU A 150 10.00 -0.15 5.13
CA LEU A 150 9.96 -1.58 5.48
C LEU A 150 10.12 -2.46 4.25
N ALA A 151 10.30 -1.82 3.05
CA ALA A 151 10.39 -2.54 1.78
C ALA A 151 11.66 -3.33 1.66
N THR A 152 11.66 -4.38 0.85
CA THR A 152 12.88 -5.14 0.65
C THR A 152 12.87 -5.82 -0.71
N VAL A 153 14.01 -6.35 -1.09
CA VAL A 153 14.18 -7.07 -2.36
C VAL A 153 13.86 -8.54 -2.11
N PHE A 154 12.89 -9.10 -2.85
CA PHE A 154 12.55 -10.52 -2.68
C PHE A 154 12.96 -11.34 -3.88
N ARG A 155 13.37 -10.71 -5.01
CA ARG A 155 13.82 -11.44 -6.21
C ARG A 155 15.06 -10.72 -6.72
N TYR A 156 16.16 -11.45 -6.90
CA TYR A 156 17.43 -10.91 -7.37
C TYR A 156 18.09 -11.92 -8.26
N ASN A 157 18.55 -11.48 -9.44
CA ASN A 157 19.12 -12.38 -10.46
C ASN A 157 18.16 -13.52 -10.80
N ASN A 158 16.85 -13.18 -10.85
CA ASN A 158 15.74 -14.08 -11.14
CA ASN A 158 15.77 -14.11 -11.17
C ASN A 158 15.62 -15.25 -10.13
N ARG A 159 16.15 -15.09 -8.89
CA ARG A 159 16.02 -16.11 -7.84
CA ARG A 159 16.00 -16.11 -7.88
C ARG A 159 15.17 -15.52 -6.74
N GLU A 160 14.05 -16.15 -6.40
CA GLU A 160 13.21 -15.64 -5.36
C GLU A 160 13.80 -15.99 -3.99
N ARG A 161 13.76 -15.07 -3.06
CA ARG A 161 14.13 -15.42 -1.70
C ARG A 161 12.89 -15.34 -0.84
N LEU A 162 12.72 -16.35 0.00
CA LEU A 162 11.58 -16.43 0.91
C LEU A 162 11.85 -15.50 2.06
N LEU A 163 10.82 -14.84 2.55
CA LEU A 163 10.98 -13.93 3.67
C LEU A 163 10.71 -14.61 4.99
N ASN A 164 11.28 -14.08 6.07
CA ASN A 164 11.02 -14.57 7.44
C ASN A 164 10.82 -13.44 8.49
N LYS A 165 11.16 -12.18 8.19
CA LYS A 165 11.03 -11.11 9.17
C LYS A 165 9.58 -10.69 9.32
N MET A 166 9.21 -10.35 10.57
CA MET A 166 7.89 -9.85 10.95
C MET A 166 7.87 -8.38 10.66
N CSO A 167 7.15 -7.99 9.61
CA CSO A 167 7.05 -6.61 9.14
CB CSO A 167 7.88 -6.38 7.87
SG CSO A 167 9.65 -6.70 8.05
C CSO A 167 5.56 -6.33 8.85
O CSO A 167 4.82 -7.23 8.47
OD CSO A 167 10.25 -5.50 9.04
N GLY A 168 5.16 -5.08 8.98
CA GLY A 168 3.81 -4.65 8.65
C GLY A 168 3.03 -4.07 9.80
N THR A 169 1.70 -4.12 9.68
CA THR A 169 0.71 -3.56 10.61
C THR A 169 -0.35 -4.61 10.79
N LEU A 170 -0.50 -5.15 12.01
CA LEU A 170 -1.30 -6.35 12.30
C LEU A 170 -2.64 -6.45 11.61
N PRO A 171 -3.51 -5.45 11.57
CA PRO A 171 -4.79 -5.64 10.88
C PRO A 171 -4.66 -5.89 9.37
N TYR A 172 -3.53 -5.50 8.75
CA TYR A 172 -3.26 -5.70 7.33
C TYR A 172 -2.34 -6.89 7.00
N VAL A 173 -1.72 -7.54 7.99
CA VAL A 173 -0.77 -8.62 7.70
CA VAL A 173 -0.76 -8.60 7.76
C VAL A 173 -1.46 -9.91 7.35
N ALA A 174 -0.82 -10.70 6.49
CA ALA A 174 -1.37 -11.98 6.04
C ALA A 174 -1.21 -13.04 7.14
N PRO A 175 -2.09 -14.05 7.25
CA PRO A 175 -1.96 -15.02 8.36
C PRO A 175 -0.68 -15.83 8.35
N GLU A 176 -0.11 -16.10 7.17
CA GLU A 176 1.12 -16.87 7.12
C GLU A 176 2.26 -16.20 7.88
N LEU A 177 2.29 -14.85 7.96
CA LEU A 177 3.34 -14.12 8.67
CA LEU A 177 3.34 -14.14 8.72
C LEU A 177 3.32 -14.48 10.16
N LEU A 178 2.15 -14.75 10.71
CA LEU A 178 2.06 -15.12 12.11
C LEU A 178 2.20 -16.65 12.35
N LYS A 179 1.97 -17.49 11.33
CA LYS A 179 1.94 -18.95 11.51
C LYS A 179 3.15 -19.68 10.98
N ARG A 180 3.84 -19.14 9.97
CA ARG A 180 4.93 -19.82 9.31
C ARG A 180 6.25 -19.12 9.54
N ARG A 181 7.33 -19.92 9.58
CA ARG A 181 8.70 -19.40 9.74
C ARG A 181 9.11 -18.64 8.47
N GLU A 182 8.80 -19.21 7.29
CA GLU A 182 9.11 -18.61 5.98
C GLU A 182 7.89 -18.51 5.11
N PHE A 183 7.88 -17.52 4.24
CA PHE A 183 6.74 -17.28 3.36
C PHE A 183 7.13 -16.45 2.12
N HIS A 184 6.37 -16.64 1.06
CA HIS A 184 6.50 -15.90 -0.19
C HIS A 184 6.08 -14.43 0.02
N ALA A 185 6.83 -13.50 -0.55
CA ALA A 185 6.56 -12.08 -0.40
C ALA A 185 5.29 -11.59 -1.09
N GLU A 186 5.05 -12.03 -2.33
CA GLU A 186 3.99 -11.47 -3.13
C GLU A 186 2.59 -11.72 -2.57
N PRO A 187 2.24 -12.92 -2.07
CA PRO A 187 0.89 -13.08 -1.51
C PRO A 187 0.65 -12.23 -0.26
N VAL A 188 1.70 -11.82 0.45
CA VAL A 188 1.54 -10.99 1.62
C VAL A 188 1.01 -9.60 1.18
N ASP A 189 1.63 -9.01 0.14
CA ASP A 189 1.16 -7.69 -0.35
C ASP A 189 -0.25 -7.80 -0.97
N VAL A 190 -0.56 -8.93 -1.59
CA VAL A 190 -1.90 -9.13 -2.17
C VAL A 190 -2.95 -9.07 -1.03
N TRP A 191 -2.68 -9.78 0.07
CA TRP A 191 -3.57 -9.83 1.22
C TRP A 191 -3.83 -8.41 1.75
N SER A 192 -2.78 -7.63 1.99
CA SER A 192 -2.95 -6.26 2.54
C SER A 192 -3.79 -5.38 1.60
N CYS A 193 -3.67 -5.58 0.30
CA CYS A 193 -4.48 -4.88 -0.72
C CYS A 193 -5.96 -5.28 -0.52
N GLY A 194 -6.22 -6.54 -0.18
CA GLY A 194 -7.58 -7.00 0.11
C GLY A 194 -8.16 -6.35 1.35
N ILE A 195 -7.34 -6.14 2.38
CA ILE A 195 -7.81 -5.42 3.58
C ILE A 195 -8.06 -3.95 3.24
N VAL A 196 -7.17 -3.35 2.44
CA VAL A 196 -7.38 -1.98 1.99
C VAL A 196 -8.73 -1.89 1.24
N LEU A 197 -9.03 -2.85 0.34
CA LEU A 197 -10.31 -2.82 -0.41
C LEU A 197 -11.50 -2.93 0.55
N THR A 198 -11.40 -3.81 1.56
CA THR A 198 -12.46 -3.98 2.57
C THR A 198 -12.73 -2.64 3.29
N ALA A 199 -11.66 -1.95 3.71
CA ALA A 199 -11.75 -0.65 4.40
C ALA A 199 -12.40 0.40 3.49
N MET A 200 -12.02 0.44 2.21
CA MET A 200 -12.61 1.37 1.25
C MET A 200 -14.10 1.11 1.07
N LEU A 201 -14.52 -0.16 1.07
CA LEU A 201 -15.93 -0.48 0.82
C LEU A 201 -16.80 -0.54 2.08
N ALA A 202 -16.22 -0.60 3.29
CA ALA A 202 -17.02 -0.71 4.51
C ALA A 202 -16.62 0.25 5.61
N GLY A 203 -15.53 1.01 5.45
CA GLY A 203 -15.12 1.97 6.45
C GLY A 203 -14.71 1.36 7.79
N GLU A 204 -14.28 0.10 7.78
CA GLU A 204 -13.84 -0.59 8.98
C GLU A 204 -12.94 -1.75 8.62
N LEU A 205 -12.08 -2.11 9.55
CA LEU A 205 -11.17 -3.23 9.35
C LEU A 205 -11.84 -4.49 9.88
N PRO A 206 -11.71 -5.64 9.21
CA PRO A 206 -12.47 -6.82 9.64
C PRO A 206 -11.98 -7.48 10.94
N TRP A 207 -10.68 -7.42 11.26
CA TRP A 207 -10.16 -8.00 12.49
C TRP A 207 -8.92 -7.28 12.98
N ASP A 208 -8.58 -7.47 14.25
CA ASP A 208 -7.37 -6.90 14.86
C ASP A 208 -6.12 -7.54 14.26
N GLN A 209 -6.22 -8.84 13.98
CA GLN A 209 -5.17 -9.63 13.33
C GLN A 209 -5.75 -10.93 12.77
N PRO A 210 -5.15 -11.56 11.76
CA PRO A 210 -5.77 -12.77 11.18
C PRO A 210 -5.32 -14.06 11.90
N SER A 211 -5.89 -14.30 13.07
CA SER A 211 -5.57 -15.49 13.88
C SER A 211 -6.84 -16.22 14.28
N ASP A 212 -6.75 -17.53 14.50
CA ASP A 212 -7.89 -18.36 14.96
C ASP A 212 -8.45 -17.85 16.28
N SER A 213 -7.61 -17.29 17.16
CA SER A 213 -8.05 -16.70 18.45
C SER A 213 -8.97 -15.48 18.22
N CYS A 214 -8.86 -14.83 17.06
CA CYS A 214 -9.67 -13.66 16.71
C CYS A 214 -11.03 -14.13 16.13
N GLN A 215 -12.12 -13.91 16.89
CA GLN A 215 -13.46 -14.36 16.53
C GLN A 215 -13.93 -13.85 15.16
N GLU A 216 -13.57 -12.59 14.80
CA GLU A 216 -13.97 -12.00 13.51
C GLU A 216 -13.26 -12.69 12.38
N TYR A 217 -12.01 -13.13 12.61
CA TYR A 217 -11.30 -13.89 11.60
C TYR A 217 -11.92 -15.29 11.45
N SER A 218 -12.30 -15.94 12.55
CA SER A 218 -12.95 -17.27 12.51
C SER A 218 -14.30 -17.21 11.79
N ASP A 219 -15.09 -16.16 12.04
CA ASP A 219 -16.40 -15.97 11.39
C ASP A 219 -16.25 -15.86 9.86
N TRP A 220 -15.19 -15.16 9.39
CA TRP A 220 -14.91 -15.01 7.97
C TRP A 220 -14.54 -16.37 7.37
N LYS A 221 -13.68 -17.15 8.04
CA LYS A 221 -13.31 -18.47 7.53
C LYS A 221 -14.53 -19.42 7.50
N GLU A 222 -15.54 -19.18 8.36
CA GLU A 222 -16.80 -19.94 8.40
C GLU A 222 -17.89 -19.34 7.46
N LYS A 223 -17.52 -18.36 6.61
CA LYS A 223 -18.37 -17.71 5.59
C LYS A 223 -19.60 -17.00 6.16
N LYS A 224 -19.48 -16.41 7.35
CA LYS A 224 -20.57 -15.65 7.97
C LYS A 224 -20.57 -14.21 7.40
N THR A 225 -20.91 -14.06 6.12
CA THR A 225 -20.86 -12.77 5.44
C THR A 225 -22.14 -11.93 5.67
N TYR A 226 -23.08 -12.45 6.49
CA TYR A 226 -24.26 -11.72 6.97
C TYR A 226 -23.85 -10.76 8.11
N LEU A 227 -22.61 -10.88 8.63
CA LEU A 227 -22.06 -9.98 9.65
C LEU A 227 -21.25 -8.84 9.03
N ASN A 228 -21.00 -7.79 9.84
CA ASN A 228 -20.15 -6.67 9.42
C ASN A 228 -18.70 -7.12 9.40
N PRO A 229 -17.85 -6.55 8.54
CA PRO A 229 -18.11 -5.54 7.52
C PRO A 229 -18.72 -6.06 6.23
N TRP A 230 -18.72 -7.38 6.06
CA TRP A 230 -19.09 -8.06 4.82
C TRP A 230 -20.52 -7.74 4.37
N LYS A 231 -21.46 -7.60 5.30
CA LYS A 231 -22.84 -7.32 4.94
C LYS A 231 -23.02 -5.96 4.26
N LYS A 232 -22.06 -5.02 4.42
CA LYS A 232 -22.10 -3.71 3.76
C LYS A 232 -21.53 -3.74 2.33
N ILE A 233 -20.99 -4.88 1.89
CA ILE A 233 -20.29 -4.98 0.62
C ILE A 233 -21.12 -5.75 -0.37
N ASP A 234 -21.22 -5.21 -1.59
CA ASP A 234 -21.98 -5.84 -2.68
C ASP A 234 -21.36 -7.18 -3.04
N SER A 235 -22.18 -8.11 -3.54
CA SER A 235 -21.76 -9.47 -3.83
C SER A 235 -20.59 -9.55 -4.84
N ALA A 236 -20.54 -8.68 -5.87
CA ALA A 236 -19.45 -8.71 -6.87
C ALA A 236 -18.09 -8.35 -6.20
N PRO A 237 -17.88 -7.21 -5.50
CA PRO A 237 -16.59 -7.00 -4.84
C PRO A 237 -16.35 -8.02 -3.72
N LEU A 238 -17.41 -8.46 -3.03
CA LEU A 238 -17.27 -9.45 -1.95
C LEU A 238 -16.74 -10.80 -2.53
N ALA A 239 -17.10 -11.17 -3.79
CA ALA A 239 -16.60 -12.39 -4.44
C ALA A 239 -15.09 -12.25 -4.70
N LEU A 240 -14.60 -11.05 -4.99
CA LEU A 240 -13.17 -10.84 -5.14
C LEU A 240 -12.48 -10.96 -3.77
N LEU A 241 -13.06 -10.37 -2.74
CA LEU A 241 -12.48 -10.49 -1.40
C LEU A 241 -12.43 -11.93 -0.93
N HIS A 242 -13.42 -12.77 -1.29
CA HIS A 242 -13.37 -14.19 -0.97
C HIS A 242 -12.13 -14.87 -1.57
N LYS A 243 -11.65 -14.39 -2.72
CA LYS A 243 -10.48 -14.95 -3.40
C LYS A 243 -9.15 -14.37 -2.89
N ILE A 244 -9.15 -13.11 -2.39
CA ILE A 244 -7.94 -12.51 -1.84
C ILE A 244 -7.73 -12.93 -0.39
N LEU A 245 -8.77 -12.89 0.46
CA LEU A 245 -8.59 -13.17 1.87
C LEU A 245 -8.74 -14.66 2.17
N VAL A 246 -7.87 -15.44 1.52
CA VAL A 246 -7.77 -16.89 1.56
C VAL A 246 -6.57 -17.19 2.45
N GLU A 247 -6.76 -17.98 3.51
CA GLU A 247 -5.71 -18.25 4.49
C GLU A 247 -4.43 -18.88 3.90
N ASN A 248 -4.59 -19.88 3.04
CA ASN A 248 -3.47 -20.57 2.44
C ASN A 248 -2.89 -19.67 1.36
N PRO A 249 -1.66 -19.14 1.50
CA PRO A 249 -1.13 -18.22 0.47
C PRO A 249 -0.88 -18.85 -0.90
N SER A 250 -0.71 -20.18 -0.97
CA SER A 250 -0.53 -20.88 -2.24
C SER A 250 -1.85 -21.01 -3.00
N ALA A 251 -3.00 -20.93 -2.32
CA ALA A 251 -4.33 -20.98 -2.94
C ALA A 251 -4.87 -19.56 -3.18
N ARG A 252 -4.25 -18.54 -2.57
CA ARG A 252 -4.69 -17.16 -2.69
C ARG A 252 -4.57 -16.70 -4.12
N ILE A 253 -5.55 -15.91 -4.56
CA ILE A 253 -5.53 -15.37 -5.92
C ILE A 253 -4.28 -14.52 -6.16
N THR A 254 -3.73 -14.59 -7.37
CA THR A 254 -2.55 -13.82 -7.75
C THR A 254 -3.02 -12.57 -8.44
N ILE A 255 -2.12 -11.57 -8.64
CA ILE A 255 -2.54 -10.32 -9.27
C ILE A 255 -2.98 -10.58 -10.73
N PRO A 256 -2.27 -11.37 -11.56
CA PRO A 256 -2.82 -11.63 -12.91
C PRO A 256 -4.28 -12.10 -12.92
N ASP A 257 -4.68 -12.90 -11.92
CA ASP A 257 -6.05 -13.41 -11.82
C ASP A 257 -7.01 -12.35 -11.22
N ILE A 258 -6.53 -11.45 -10.36
CA ILE A 258 -7.34 -10.32 -9.84
C ILE A 258 -7.77 -9.44 -11.03
N LYS A 259 -6.88 -9.24 -12.01
CA LYS A 259 -7.15 -8.45 -13.23
C LYS A 259 -8.20 -9.08 -14.15
N LYS A 260 -8.50 -10.38 -13.97
CA LYS A 260 -9.56 -11.07 -14.71
C LYS A 260 -10.84 -11.20 -13.88
N ASP A 261 -10.86 -10.73 -12.63
CA ASP A 261 -12.04 -10.85 -11.79
C ASP A 261 -13.18 -10.01 -12.35
N ARG A 262 -14.39 -10.49 -12.16
CA ARG A 262 -15.61 -9.85 -12.70
C ARG A 262 -15.80 -8.42 -12.18
N TRP A 263 -15.72 -8.21 -10.86
CA TRP A 263 -15.88 -6.88 -10.31
C TRP A 263 -14.74 -5.96 -10.74
N TYR A 264 -13.51 -6.46 -10.73
CA TYR A 264 -12.38 -5.68 -11.19
C TYR A 264 -12.64 -5.08 -12.58
N ASN A 265 -13.31 -5.80 -13.46
CA ASN A 265 -13.62 -5.38 -14.83
C ASN A 265 -15.06 -4.83 -15.03
N LYS A 266 -15.81 -4.61 -13.97
CA LYS A 266 -17.17 -4.11 -14.07
C LYS A 266 -17.17 -2.62 -14.34
N PRO A 267 -17.86 -2.12 -15.39
CA PRO A 267 -17.91 -0.66 -15.60
C PRO A 267 -18.77 -0.03 -14.50
N LEU A 268 -18.19 0.90 -13.75
CA LEU A 268 -18.85 1.60 -12.63
C LEU A 268 -18.75 3.11 -12.79
N LYS A 269 -19.83 3.83 -12.52
CA LYS A 269 -19.89 5.29 -12.64
C LYS A 269 -20.94 5.85 -11.67
N LYS A 270 -20.52 6.75 -10.78
CA LYS A 270 -21.39 7.39 -9.78
C LYS A 270 -22.57 8.14 -10.41
O3 2HK B . 11.08 5.41 1.90
C28 2HK B . 10.16 6.41 1.88
C27 2HK B . 9.70 7.02 3.04
C26 2HK B . 8.71 7.98 2.96
C29 2HK B . 9.62 6.75 0.66
C30 2HK B . 8.62 7.71 0.60
C25 2HK B . 8.16 8.36 1.74
C22 2HK B . 7.06 9.37 1.65
C21 2HK B . 6.30 9.74 2.77
C20 2HK B . 5.39 10.77 2.71
C23 2HK B . 6.86 10.11 0.49
C24 2HK B . 5.95 11.14 0.42
C19 2HK B . 5.20 11.48 1.53
C18 2HK B . 4.13 12.51 1.41
N3 2HK B . 4.02 13.25 0.23
N2 2HK B . 2.91 14.06 0.37
C17 2HK B . 2.33 13.83 1.60
C10 2HK B . 1.22 14.19 2.37
C9 2HK B . 0.22 15.11 2.12
C16 2HK B . 3.08 12.85 2.32
C15 2HK B . 2.43 12.60 3.54
C11 2HK B . 1.25 13.42 3.55
C12 2HK B . 0.22 13.62 4.47
C13 2HK B . -0.80 14.55 4.24
O2 2HK B . -1.84 14.81 5.09
C14 2HK B . -1.92 14.04 6.30
C8 2HK B . -0.80 15.31 3.04
O1 2HK B . -1.90 16.10 2.86
C1 2HK B . -1.84 17.24 1.97
C2 2HK B . -1.69 18.42 2.89
N1 2HK B . -3.00 19.08 3.24
C7 2HK B . -2.83 20.43 3.83
C6 2HK B . -2.26 20.35 5.24
C5 2HK B . -3.12 19.49 6.13
C4 2HK B . -3.36 18.12 5.51
C3 2HK B . -3.91 18.25 4.11
H29 2HK B . 11.26 5.18 2.85
H28 2HK B . 10.09 6.76 4.03
H27 2HK B . 8.41 8.47 3.88
H30 2HK B . 9.94 6.24 -0.24
H31 2HK B . 8.22 7.93 -0.39
H24 2HK B . 6.38 9.18 3.70
H23 2HK B . 4.82 11.01 3.61
H25 2HK B . 7.49 9.95 -0.39
H26 2HK B . 5.85 11.68 -0.52
H22 2HK B . 2.87 14.92 -0.17
H16 2HK B . 0.30 15.70 1.20
H21 2HK B . 2.71 11.91 4.32
H17 2HK B . 0.23 12.98 5.35
H18 2HK B . -1.09 14.26 6.95
H20 2HK B . -2.83 14.43 6.76
H19 2HK B . -2.01 12.97 6.17
H2 2HK B . -1.06 17.21 1.22
H3 2HK B . -2.77 17.28 1.40
H5 2HK B . -1.03 19.15 2.42
H4 2HK B . -1.16 18.13 3.79
H15 2HK B . -2.21 21.05 3.18
H14 2HK B . -3.79 20.95 3.85
H13 2HK B . -2.18 21.36 5.62
H12 2HK B . -1.21 20.01 5.23
H11 2HK B . -4.07 19.98 6.32
H10 2HK B . -2.69 19.39 7.12
H9 2HK B . -2.45 17.53 5.51
H8 2HK B . -4.03 17.54 6.15
H7 2HK B . -4.90 18.70 4.14
H6 2HK B . -4.07 17.26 3.67
S SO4 C . 14.79 -8.54 4.92
O1 SO4 C . 14.32 -7.30 5.61
O2 SO4 C . 15.34 -8.17 3.64
O3 SO4 C . 15.82 -9.22 5.74
O4 SO4 C . 13.68 -9.46 4.75
C1 GOL D . -3.08 1.01 11.30
O1 GOL D . -4.15 0.70 12.22
C2 GOL D . -2.05 1.98 11.90
O2 GOL D . -1.27 2.61 10.85
C3 GOL D . -1.20 1.41 13.08
O3 GOL D . 0.24 1.64 12.98
C1 GOL E . -11.78 -18.85 2.58
O1 GOL E . -11.24 -19.59 1.47
C2 GOL E . -12.80 -17.76 2.18
O2 GOL E . -12.09 -16.62 1.62
C3 GOL E . -13.52 -17.39 3.49
O3 GOL E . -14.81 -16.81 3.25
C1 IPA F . -9.92 2.41 9.79
C2 IPA F . -10.05 2.51 8.28
C3 IPA F . -11.22 1.65 7.88
O2 IPA F . -8.81 2.14 7.64
#